data_9D03
#
_entry.id   9D03
#
_cell.length_a   60.330
_cell.length_b   60.330
_cell.length_c   316.670
_cell.angle_alpha   90.000
_cell.angle_beta   90.000
_cell.angle_gamma   120.000
#
_symmetry.space_group_name_H-M   'P 65'
#
loop_
_entity.id
_entity.type
_entity.pdbx_description
1 polymer 'Threonine aspartase subunit beta,Threonine aspartase subunit alpha'
2 non-polymer 'SODIUM ION'
3 non-polymer 'CHLORIDE ION'
4 non-polymer 1-(ethenylsulfonyl)-4-{[3-fluoro-4-(trifluoromethoxy)phenyl]methyl}piperazine
5 water water
#
_entity_poly.entity_id   1
_entity_poly.type   'polypeptide(L)'
_entity_poly.pdbx_seq_one_letter_code
;MTVGAVVVDHEGNVAAAVSSGGLALKHPGRVGQAALYGCGCWAENTGAHNPYSTAVSTSGCGEHLVRTILARECSHALQA
EDAHQALLETMQNKFISSPFLASEDGVLGGVIVLRSCRCSAEPDSSQNKQTLLVEFLWSHTTESMCVGYMSAQDGKAKTH
ISRLPPGAVAGQSVAIEGGVCRLEGSGSGGFVLVHAGAGYHSESKAKEYKHVCKRACQKAIEKLQAGALATDAVTAALVE
LEDSPFTNAGMGSNLNLLGEIECDASIMDGKSLNFGAVGALSGIKNPVSVANRLLCEGQKGKLSAGRIPPCFLVGEGAYR
WAVDHGIPSCPLEHHHHHH
;
_entity_poly.pdbx_strand_id   A,B
#
# COMPACT_ATOMS: atom_id res chain seq x y z
N THR A 2 -8.63 -9.45 13.09
CA THR A 2 -7.63 -9.85 12.09
C THR A 2 -7.04 -11.21 12.43
N VAL A 3 -6.81 -12.03 11.40
CA VAL A 3 -6.13 -13.31 11.54
C VAL A 3 -5.03 -13.38 10.47
N GLY A 4 -4.05 -14.25 10.72
CA GLY A 4 -2.95 -14.37 9.78
C GLY A 4 -2.26 -15.71 9.89
N ALA A 5 -1.46 -16.00 8.88
CA ALA A 5 -0.63 -17.20 8.90
C ALA A 5 0.58 -16.98 8.00
N VAL A 6 1.64 -17.68 8.35
CA VAL A 6 2.86 -17.77 7.56
C VAL A 6 3.26 -19.24 7.50
N VAL A 7 3.78 -19.65 6.35
CA VAL A 7 4.05 -21.05 6.09
C VAL A 7 5.40 -21.14 5.39
N VAL A 8 6.16 -22.18 5.70
CA VAL A 8 7.32 -22.56 4.88
C VAL A 8 7.18 -24.04 4.50
N ASP A 9 7.41 -24.35 3.22
CA ASP A 9 7.30 -25.71 2.74
C ASP A 9 8.65 -26.41 2.87
N HIS A 10 8.72 -27.67 2.45
CA HIS A 10 9.93 -28.44 2.70
C HIS A 10 11.12 -27.95 1.90
N GLU A 11 10.89 -27.12 0.87
CA GLU A 11 11.97 -26.58 0.05
C GLU A 11 12.40 -25.18 0.46
N GLY A 12 11.82 -24.61 1.52
CA GLY A 12 12.15 -23.27 1.91
C GLY A 12 11.33 -22.18 1.24
N ASN A 13 10.32 -22.55 0.44
CA ASN A 13 9.38 -21.57 -0.10
C ASN A 13 8.43 -21.08 0.99
N VAL A 14 8.17 -19.77 1.01
CA VAL A 14 7.34 -19.22 2.07
C VAL A 14 6.13 -18.52 1.46
N ALA A 15 5.10 -18.39 2.28
CA ALA A 15 3.91 -17.66 1.85
C ALA A 15 3.32 -17.04 3.09
N ALA A 16 2.53 -15.98 2.89
CA ALA A 16 1.90 -15.34 4.03
C ALA A 16 0.53 -14.81 3.60
N ALA A 17 -0.41 -14.80 4.54
CA ALA A 17 -1.74 -14.28 4.27
C ALA A 17 -2.29 -13.63 5.52
N VAL A 18 -3.32 -12.80 5.32
CA VAL A 18 -3.96 -12.05 6.40
C VAL A 18 -5.40 -11.76 5.96
N SER A 19 -6.31 -11.69 6.92
CA SER A 19 -7.71 -11.48 6.61
C SER A 19 -8.35 -10.76 7.80
N SER A 20 -9.26 -9.84 7.52
CA SER A 20 -9.84 -9.01 8.58
C SER A 20 -11.24 -8.53 8.21
N GLY A 21 -12.01 -8.22 9.24
CA GLY A 21 -13.23 -7.46 9.09
C GLY A 21 -13.08 -5.97 9.28
N GLY A 22 -11.89 -5.48 9.71
CA GLY A 22 -11.65 -4.05 9.83
C GLY A 22 -12.30 -3.43 11.06
N LEU A 23 -12.19 -2.10 11.14
CA LEU A 23 -12.67 -1.37 12.30
C LEU A 23 -14.18 -1.49 12.42
N ALA A 24 -14.64 -1.86 13.62
CA ALA A 24 -16.06 -1.89 13.89
C ALA A 24 -16.68 -0.53 13.60
N LEU A 25 -17.89 -0.55 13.06
CA LEU A 25 -18.65 0.66 12.74
C LEU A 25 -17.99 1.55 11.68
N LYS A 26 -17.03 1.03 10.92
CA LYS A 26 -16.34 1.82 9.92
C LYS A 26 -17.31 2.30 8.84
N HIS A 27 -16.93 3.38 8.16
CA HIS A 27 -17.72 3.86 7.04
C HIS A 27 -17.67 2.82 5.92
N PRO A 28 -18.76 2.66 5.16
CA PRO A 28 -18.71 1.75 4.00
C PRO A 28 -17.59 2.14 3.03
N GLY A 29 -16.89 1.12 2.52
CA GLY A 29 -15.77 1.28 1.63
C GLY A 29 -14.42 1.54 2.29
N ARG A 30 -14.34 1.62 3.61
CA ARG A 30 -13.04 1.79 4.24
C ARG A 30 -12.23 0.51 4.08
N VAL A 31 -11.05 0.63 3.49
CA VAL A 31 -10.13 -0.48 3.30
C VAL A 31 -8.92 -0.25 4.19
N GLY A 32 -8.54 -1.27 4.95
CA GLY A 32 -7.41 -1.20 5.86
C GLY A 32 -6.25 -2.11 5.50
N GLN A 33 -5.37 -2.32 6.48
CA GLN A 33 -4.07 -2.98 6.30
C GLN A 33 -4.16 -4.38 5.69
N ALA A 34 -5.21 -5.14 5.97
CA ALA A 34 -5.20 -6.52 5.51
C ALA A 34 -5.28 -6.65 4.00
N ALA A 35 -5.64 -5.58 3.29
CA ALA A 35 -5.69 -5.58 1.83
C ALA A 35 -4.49 -4.92 1.19
N LEU A 36 -3.65 -4.23 1.96
CA LEU A 36 -2.71 -3.29 1.37
C LEU A 36 -1.34 -3.93 1.21
N TYR A 37 -0.81 -3.84 -0.01
CA TYR A 37 0.49 -4.40 -0.35
C TYR A 37 1.58 -3.89 0.60
N GLY A 38 2.33 -4.81 1.17
CA GLY A 38 3.41 -4.47 2.08
C GLY A 38 3.02 -4.18 3.52
N CYS A 39 1.74 -3.96 3.81
CA CYS A 39 1.28 -3.60 5.14
C CYS A 39 0.77 -4.80 5.93
N GLY A 40 -0.18 -5.55 5.36
CA GLY A 40 -0.80 -6.67 6.04
C GLY A 40 0.02 -7.95 6.05
N CYS A 41 0.70 -8.25 4.93
CA CYS A 41 1.53 -9.45 4.88
C CYS A 41 2.67 -9.25 3.89
N TRP A 42 3.64 -10.16 3.97
CA TRP A 42 4.80 -10.12 3.11
C TRP A 42 5.45 -11.48 3.12
N ALA A 43 5.94 -11.88 1.96
CA ALA A 43 6.62 -13.16 1.82
C ALA A 43 7.65 -12.98 0.71
N GLU A 44 8.88 -13.37 1.00
CA GLU A 44 9.98 -13.15 0.09
C GLU A 44 10.96 -14.30 0.29
N ASN A 45 11.12 -15.13 -0.75
CA ASN A 45 12.13 -16.19 -0.71
C ASN A 45 13.53 -15.61 -0.66
N THR A 46 14.48 -16.44 -0.24
CA THR A 46 15.86 -16.01 -0.20
C THR A 46 16.34 -15.73 -1.62
N GLY A 47 17.15 -14.69 -1.76
CA GLY A 47 17.68 -14.30 -3.05
C GLY A 47 19.08 -13.74 -2.94
N ALA A 48 19.44 -12.86 -3.89
CA ALA A 48 20.79 -12.33 -3.94
C ALA A 48 21.11 -11.48 -2.70
N HIS A 49 20.31 -10.44 -2.46
CA HIS A 49 20.50 -9.56 -1.31
C HIS A 49 19.63 -9.96 -0.12
N ASN A 50 18.90 -11.07 -0.21
CA ASN A 50 18.07 -11.59 0.87
C ASN A 50 18.53 -12.99 1.24
N PRO A 51 19.38 -13.15 2.25
CA PRO A 51 19.87 -14.50 2.59
C PRO A 51 18.84 -15.38 3.28
N TYR A 52 17.73 -14.82 3.78
CA TYR A 52 16.68 -15.59 4.43
C TYR A 52 15.40 -15.53 3.61
N SER A 53 14.66 -16.63 3.61
CA SER A 53 13.26 -16.61 3.23
C SER A 53 12.46 -16.11 4.42
N THR A 54 11.64 -15.07 4.22
CA THR A 54 10.86 -14.49 5.31
C THR A 54 9.40 -14.38 4.95
N ALA A 55 8.54 -14.57 5.94
CA ALA A 55 7.10 -14.40 5.78
C ALA A 55 6.57 -13.67 7.00
N VAL A 56 5.68 -12.71 6.77
CA VAL A 56 5.19 -11.84 7.83
C VAL A 56 3.69 -11.67 7.67
N SER A 57 2.97 -11.73 8.78
CA SER A 57 1.55 -11.40 8.74
C SER A 57 1.26 -10.55 9.96
N THR A 58 0.36 -9.60 9.84
CA THR A 58 0.14 -8.60 10.87
C THR A 58 -1.27 -8.69 11.42
N SER A 59 -1.48 -7.94 12.51
CA SER A 59 -2.73 -7.88 13.24
C SER A 59 -2.90 -6.48 13.79
N GLY A 60 -4.12 -6.17 14.19
CA GLY A 60 -4.49 -4.87 14.68
C GLY A 60 -5.37 -4.13 13.70
N CYS A 61 -6.03 -3.10 14.21
CA CYS A 61 -6.84 -2.27 13.31
C CYS A 61 -6.41 -0.82 13.47
N GLY A 62 -7.18 0.09 12.89
CA GLY A 62 -6.73 1.44 12.73
C GLY A 62 -5.67 1.53 11.64
N GLU A 63 -5.20 2.74 11.41
CA GLU A 63 -4.26 3.00 10.33
C GLU A 63 -2.80 2.80 10.76
N HIS A 64 -2.58 2.19 11.92
CA HIS A 64 -1.23 2.08 12.47
C HIS A 64 -0.31 1.21 11.61
N LEU A 65 -0.83 0.09 11.08
CA LEU A 65 0.03 -0.80 10.33
C LEU A 65 0.24 -0.29 8.90
N VAL A 66 -0.78 0.40 8.36
CA VAL A 66 -0.66 0.97 7.03
C VAL A 66 0.43 2.03 7.02
N ARG A 67 0.29 3.04 7.90
CA ARG A 67 1.19 4.19 7.93
C ARG A 67 2.66 3.78 8.01
N THR A 68 2.95 2.59 8.51
CA THR A 68 4.32 2.18 8.75
C THR A 68 4.80 1.09 7.80
N ILE A 69 3.92 0.58 6.94
CA ILE A 69 4.19 -0.54 6.02
C ILE A 69 4.87 -1.66 6.77
N LEU A 70 4.17 -2.17 7.80
CA LEU A 70 4.84 -2.89 8.87
C LEU A 70 5.42 -4.21 8.37
N ALA A 71 4.61 -4.95 7.59
CA ALA A 71 4.98 -6.31 7.22
C ALA A 71 6.28 -6.33 6.43
N ARG A 72 6.36 -5.52 5.39
CA ARG A 72 7.56 -5.44 4.60
C ARG A 72 8.72 -4.89 5.44
N GLU A 73 8.42 -4.00 6.38
CA GLU A 73 9.48 -3.47 7.24
C GLU A 73 10.08 -4.58 8.10
N CYS A 74 9.22 -5.43 8.68
CA CYS A 74 9.71 -6.55 9.47
C CYS A 74 10.55 -7.47 8.63
N SER A 75 10.04 -7.81 7.45
CA SER A 75 10.76 -8.70 6.55
C SER A 75 12.17 -8.18 6.28
N HIS A 76 12.29 -6.87 6.02
CA HIS A 76 13.61 -6.29 5.77
C HIS A 76 14.48 -6.31 7.02
N ALA A 77 13.92 -6.03 8.19
CA ALA A 77 14.72 -6.06 9.41
C ALA A 77 15.24 -7.46 9.69
N LEU A 78 14.48 -8.50 9.31
CA LEU A 78 14.84 -9.88 9.62
C LEU A 78 15.99 -10.40 8.76
N GLN A 79 16.54 -9.60 7.86
CA GLN A 79 17.75 -10.03 7.18
C GLN A 79 18.98 -9.85 8.05
N ALA A 80 18.87 -9.16 9.18
CA ALA A 80 19.98 -9.10 10.12
C ALA A 80 20.19 -10.49 10.75
N GLU A 81 21.32 -10.63 11.42
CA GLU A 81 21.67 -11.93 12.00
C GLU A 81 20.72 -12.31 13.12
N ASP A 82 20.51 -11.42 14.09
CA ASP A 82 19.73 -11.71 15.29
C ASP A 82 18.27 -11.33 15.03
N ALA A 83 17.45 -12.35 14.75
CA ALA A 83 16.06 -12.12 14.39
C ALA A 83 15.28 -11.47 15.53
N HIS A 84 15.45 -12.00 16.74
CA HIS A 84 14.77 -11.46 17.90
C HIS A 84 15.03 -9.96 18.06
N GLN A 85 16.31 -9.56 18.05
CA GLN A 85 16.65 -8.14 18.20
C GLN A 85 16.09 -7.30 17.04
N ALA A 86 16.13 -7.84 15.83
CA ALA A 86 15.61 -7.12 14.66
C ALA A 86 14.12 -6.86 14.80
N LEU A 87 13.34 -7.88 15.14
CA LEU A 87 11.90 -7.69 15.28
C LEU A 87 11.57 -6.78 16.44
N LEU A 88 12.24 -6.96 17.60
CA LEU A 88 11.97 -6.13 18.77
C LEU A 88 12.23 -4.66 18.48
N GLU A 89 13.37 -4.36 17.84
CA GLU A 89 13.69 -2.98 17.48
C GLU A 89 12.71 -2.41 16.45
N THR A 90 12.26 -3.22 15.51
CA THR A 90 11.24 -2.77 14.58
C THR A 90 9.96 -2.41 15.29
N MET A 91 9.48 -3.31 16.16
CA MET A 91 8.26 -3.04 16.91
C MET A 91 8.38 -1.76 17.72
N GLN A 92 9.54 -1.54 18.34
CA GLN A 92 9.73 -0.37 19.18
C GLN A 92 9.96 0.90 18.37
N ASN A 93 10.91 0.86 17.43
CA ASN A 93 11.31 2.05 16.70
C ASN A 93 10.38 2.32 15.53
N LYS A 94 10.18 1.31 14.67
CA LYS A 94 9.45 1.52 13.43
C LYS A 94 7.94 1.56 13.64
N PHE A 95 7.45 0.99 14.73
CA PHE A 95 6.02 0.87 14.95
C PHE A 95 5.55 1.76 16.10
N ILE A 96 6.10 1.59 17.31
CA ILE A 96 5.59 2.37 18.44
C ILE A 96 6.05 3.83 18.32
N SER A 97 7.35 4.06 18.16
CA SER A 97 7.88 5.43 18.12
C SER A 97 8.09 5.93 16.69
N SER A 98 7.34 5.39 15.74
CA SER A 98 7.42 5.85 14.36
C SER A 98 7.02 7.31 14.26
N PRO A 99 7.66 8.10 13.38
CA PRO A 99 7.16 9.45 13.15
C PRO A 99 5.77 9.48 12.54
N PHE A 100 5.41 8.44 11.76
CA PHE A 100 4.10 8.33 11.14
C PHE A 100 2.98 8.21 12.17
N LEU A 101 3.31 7.87 13.42
CA LEU A 101 2.32 7.68 14.47
C LEU A 101 2.65 8.54 15.69
N ALA A 102 3.31 9.68 15.47
CA ALA A 102 3.73 10.50 16.59
C ALA A 102 2.55 11.16 17.29
N SER A 103 1.45 11.39 16.57
CA SER A 103 0.28 12.09 17.11
C SER A 103 -0.70 11.16 17.83
N GLU A 104 -0.30 9.91 18.07
CA GLU A 104 -1.18 8.89 18.64
C GLU A 104 -0.89 8.67 20.12
N ASP A 105 -1.95 8.59 20.92
CA ASP A 105 -1.85 8.13 22.31
C ASP A 105 -2.07 6.62 22.32
N GLY A 106 -1.00 5.88 22.01
CA GLY A 106 -1.03 4.43 21.95
C GLY A 106 -1.00 3.88 20.52
N VAL A 107 -0.30 2.77 20.31
CA VAL A 107 -0.20 2.10 19.00
C VAL A 107 -0.41 0.61 19.21
N LEU A 108 -1.50 0.07 18.65
CA LEU A 108 -1.96 -1.28 18.98
C LEU A 108 -1.79 -2.20 17.78
N GLY A 109 -1.03 -3.28 17.93
CA GLY A 109 -0.92 -4.22 16.84
C GLY A 109 -0.03 -5.39 17.18
N GLY A 110 0.10 -6.30 16.20
CA GLY A 110 0.95 -7.46 16.35
C GLY A 110 1.42 -7.98 15.02
N VAL A 111 2.35 -8.93 15.09
CA VAL A 111 2.93 -9.57 13.91
C VAL A 111 3.27 -11.00 14.28
N ILE A 112 3.21 -11.88 13.28
CA ILE A 112 3.85 -13.19 13.30
C ILE A 112 4.85 -13.23 12.15
N VAL A 113 5.99 -13.87 12.38
CA VAL A 113 7.04 -13.94 11.37
C VAL A 113 7.64 -15.32 11.39
N LEU A 114 8.18 -15.71 10.24
CA LEU A 114 9.14 -16.80 10.20
C LEU A 114 10.23 -16.45 9.20
N ARG A 115 11.42 -16.97 9.44
CA ARG A 115 12.47 -16.92 8.44
C ARG A 115 13.20 -18.25 8.43
N SER A 116 13.52 -18.70 7.23
CA SER A 116 14.21 -19.97 7.07
C SER A 116 15.43 -19.76 6.19
N CYS A 117 16.40 -20.64 6.38
CA CYS A 117 17.54 -20.78 5.49
C CYS A 117 17.99 -22.23 5.56
N ARG A 118 18.50 -22.74 4.45
CA ARG A 118 19.06 -24.07 4.45
C ARG A 118 20.49 -23.98 4.98
N CYS A 119 20.80 -24.79 5.99
CA CYS A 119 22.17 -24.92 6.50
C CYS A 119 22.73 -26.31 6.21
N THR A 131 18.90 -29.79 5.44
CA THR A 131 17.99 -29.45 6.52
C THR A 131 17.58 -27.97 6.45
N LEU A 132 16.44 -27.63 7.06
CA LEU A 132 15.89 -26.28 7.04
C LEU A 132 15.85 -25.73 8.46
N LEU A 133 16.43 -24.55 8.65
CA LEU A 133 16.41 -23.90 9.96
C LEU A 133 15.32 -22.85 9.93
N VAL A 134 14.28 -23.03 10.74
CA VAL A 134 13.14 -22.13 10.76
C VAL A 134 13.09 -21.43 12.11
N GLU A 135 13.22 -20.12 12.08
CA GLU A 135 13.00 -19.28 13.26
C GLU A 135 11.67 -18.59 13.11
N PHE A 136 10.88 -18.58 14.17
CA PHE A 136 9.56 -18.01 14.14
C PHE A 136 9.35 -17.19 15.40
N LEU A 137 8.60 -16.10 15.26
CA LEU A 137 8.42 -15.14 16.33
C LEU A 137 7.03 -14.54 16.24
N TRP A 138 6.55 -14.04 17.38
CA TRP A 138 5.36 -13.21 17.45
C TRP A 138 5.66 -12.04 18.37
N SER A 139 4.97 -10.94 18.13
CA SER A 139 5.25 -9.74 18.91
C SER A 139 4.03 -8.84 18.84
N HIS A 140 3.69 -8.20 19.96
CA HIS A 140 2.48 -7.39 20.00
C HIS A 140 2.62 -6.31 21.07
N THR A 141 1.84 -5.24 20.89
CA THR A 141 1.67 -4.18 21.87
C THR A 141 0.27 -4.18 22.48
N THR A 142 -0.60 -5.06 22.01
CA THR A 142 -1.88 -5.29 22.65
C THR A 142 -1.67 -6.09 23.93
N GLU A 143 -2.69 -6.08 24.80
CA GLU A 143 -2.63 -6.85 26.04
C GLU A 143 -2.20 -8.28 25.78
N SER A 144 -2.77 -8.91 24.77
CA SER A 144 -2.55 -10.31 24.51
C SER A 144 -2.66 -10.62 23.02
N MET A 145 -2.28 -11.86 22.68
CA MET A 145 -2.29 -12.34 21.30
C MET A 145 -2.27 -13.87 21.36
N CYS A 146 -3.05 -14.51 20.50
CA CYS A 146 -3.14 -15.97 20.49
C CYS A 146 -2.50 -16.50 19.22
N VAL A 147 -1.53 -17.40 19.38
CA VAL A 147 -0.79 -17.96 18.25
C VAL A 147 -0.86 -19.47 18.32
N GLY A 148 -0.63 -20.08 17.16
CA GLY A 148 -0.47 -21.51 17.06
C GLY A 148 0.61 -21.82 16.04
N TYR A 149 1.28 -22.93 16.24
CA TYR A 149 2.34 -23.27 15.29
C TYR A 149 2.52 -24.78 15.28
N MET A 150 3.12 -25.25 14.19
CA MET A 150 3.21 -26.68 14.01
C MET A 150 4.23 -26.97 12.92
N SER A 151 4.97 -28.03 13.13
CA SER A 151 5.88 -28.60 12.16
C SER A 151 5.23 -29.87 11.63
N ALA A 152 5.54 -30.23 10.38
CA ALA A 152 5.01 -31.46 9.83
C ALA A 152 5.59 -32.68 10.54
N GLN A 153 6.82 -32.56 11.07
CA GLN A 153 7.47 -33.65 11.78
C GLN A 153 6.87 -33.84 13.18
N ASP A 154 6.71 -32.77 13.95
CA ASP A 154 6.34 -32.92 15.35
C ASP A 154 4.94 -33.51 15.52
N GLY A 155 4.07 -33.35 14.53
CA GLY A 155 2.80 -34.03 14.52
C GLY A 155 1.74 -33.50 15.47
N LYS A 156 2.08 -32.53 16.32
CA LYS A 156 1.10 -31.96 17.24
C LYS A 156 1.24 -30.45 17.25
N ALA A 157 0.14 -29.75 17.03
CA ALA A 157 0.16 -28.30 17.06
C ALA A 157 0.35 -27.80 18.49
N LYS A 158 1.02 -26.66 18.63
CA LYS A 158 1.19 -26.03 19.93
C LYS A 158 0.55 -24.65 19.86
N THR A 159 -0.24 -24.31 20.86
CA THR A 159 -0.88 -23.01 20.94
C THR A 159 -0.49 -22.29 22.21
N HIS A 160 -0.54 -20.98 22.17
CA HIS A 160 0.01 -20.16 23.23
C HIS A 160 -0.70 -18.82 23.20
N ILE A 161 -0.97 -18.28 24.37
CA ILE A 161 -1.54 -16.95 24.53
C ILE A 161 -0.43 -16.05 25.07
N SER A 162 0.01 -15.13 24.25
CA SER A 162 1.11 -14.24 24.59
C SER A 162 0.51 -13.00 25.23
N ARG A 163 1.01 -12.62 26.40
CA ARG A 163 0.43 -11.53 27.18
CA ARG A 163 0.43 -11.52 27.15
C ARG A 163 1.51 -10.53 27.54
N LEU A 164 1.11 -9.28 27.66
CA LEU A 164 2.03 -8.25 28.15
C LEU A 164 2.38 -8.55 29.61
N PRO A 165 3.64 -8.43 30.00
CA PRO A 165 4.03 -8.70 31.40
C PRO A 165 3.46 -7.65 32.36
N PRO A 166 3.25 -8.02 33.62
CA PRO A 166 2.81 -7.04 34.63
C PRO A 166 3.70 -5.79 34.62
N GLY A 167 3.07 -4.63 34.67
CA GLY A 167 3.79 -3.37 34.58
C GLY A 167 3.90 -2.81 33.17
N ALA A 168 3.73 -3.63 32.14
CA ALA A 168 3.69 -3.11 30.79
C ALA A 168 2.40 -2.35 30.57
N VAL A 169 2.40 -1.51 29.56
CA VAL A 169 1.27 -0.65 29.21
C VAL A 169 0.89 -0.95 27.77
N ALA A 170 -0.33 -1.41 27.57
CA ALA A 170 -0.82 -1.69 26.22
C ALA A 170 -0.68 -0.45 25.33
N GLY A 171 -0.18 -0.65 24.13
CA GLY A 171 0.06 0.45 23.21
C GLY A 171 1.35 1.20 23.42
N GLN A 172 2.09 0.93 24.51
CA GLN A 172 3.39 1.53 24.76
C GLN A 172 4.50 0.50 24.95
N SER A 173 4.16 -0.77 25.11
CA SER A 173 5.12 -1.81 25.45
C SER A 173 5.08 -2.89 24.39
N VAL A 174 6.16 -3.63 24.29
CA VAL A 174 6.28 -4.74 23.36
C VAL A 174 6.48 -6.03 24.14
N ALA A 175 5.70 -7.06 23.80
CA ALA A 175 6.02 -8.43 24.15
C ALA A 175 6.47 -9.15 22.88
N ILE A 176 7.48 -10.00 23.02
CA ILE A 176 8.02 -10.70 21.86
C ILE A 176 8.48 -12.07 22.33
N GLU A 177 8.04 -13.12 21.67
CA GLU A 177 8.48 -14.49 21.97
C GLU A 177 8.67 -15.24 20.68
N GLY A 178 9.37 -16.37 20.76
CA GLY A 178 9.52 -17.21 19.59
C GLY A 178 10.29 -18.46 19.89
N GLY A 179 10.73 -19.12 18.82
CA GLY A 179 11.49 -20.37 18.94
C GLY A 179 12.09 -20.75 17.60
N VAL A 180 12.71 -21.93 17.59
CA VAL A 180 13.43 -22.43 16.43
C VAL A 180 13.01 -23.87 16.19
N CYS A 181 12.99 -24.27 14.92
CA CYS A 181 12.69 -25.63 14.50
C CYS A 181 13.65 -26.02 13.38
N ARG A 182 14.10 -27.27 13.41
CA ARG A 182 14.88 -27.82 12.31
C ARG A 182 14.00 -28.82 11.57
N LEU A 183 14.11 -28.85 10.25
CA LEU A 183 13.25 -29.70 9.45
C LEU A 183 14.08 -30.56 8.52
N GLY A 187 12.04 -34.01 2.96
CA GLY A 187 10.83 -34.82 2.99
C GLY A 187 9.72 -34.19 2.17
N SER A 188 8.51 -34.11 2.74
CA SER A 188 7.43 -33.30 2.20
C SER A 188 6.79 -32.44 3.31
N GLY A 189 7.59 -32.06 4.30
CA GLY A 189 7.11 -31.37 5.48
C GLY A 189 7.00 -29.87 5.36
N GLY A 190 7.22 -29.19 6.49
CA GLY A 190 7.13 -27.75 6.55
C GLY A 190 6.74 -27.27 7.94
N PHE A 191 6.41 -25.98 8.02
CA PHE A 191 6.11 -25.35 9.29
C PHE A 191 5.07 -24.25 9.08
N VAL A 192 4.23 -24.05 10.08
CA VAL A 192 3.16 -23.05 10.00
C VAL A 192 3.08 -22.33 11.34
N LEU A 193 2.92 -21.00 11.27
CA LEU A 193 2.61 -20.18 12.44
C LEU A 193 1.38 -19.37 12.11
N VAL A 194 0.39 -19.39 12.98
CA VAL A 194 -0.87 -18.72 12.71
C VAL A 194 -1.23 -17.84 13.90
N HIS A 195 -2.15 -16.91 13.67
CA HIS A 195 -2.63 -16.14 14.81
C HIS A 195 -4.10 -15.80 14.64
N ALA A 196 -4.84 -15.82 15.75
CA ALA A 196 -6.26 -15.57 15.76
C ALA A 196 -6.60 -14.13 16.15
N GLY A 197 -5.60 -13.31 16.40
CA GLY A 197 -5.82 -11.90 16.62
C GLY A 197 -5.06 -11.35 17.81
N ALA A 198 -4.88 -10.04 17.83
CA ALA A 198 -4.18 -9.34 18.89
C ALA A 198 -5.12 -8.28 19.43
N GLY A 199 -5.42 -8.34 20.72
CA GLY A 199 -6.32 -7.38 21.32
C GLY A 199 -6.43 -7.49 22.82
N TYR A 200 -7.63 -7.24 23.34
CA TYR A 200 -7.88 -7.34 24.77
C TYR A 200 -7.91 -8.79 25.20
N HIS A 201 -7.43 -9.04 26.41
CA HIS A 201 -7.49 -10.38 26.96
C HIS A 201 -8.94 -10.75 27.21
N SER A 202 -9.31 -11.97 26.81
CA SER A 202 -10.63 -12.53 27.03
C SER A 202 -10.41 -13.95 27.52
N GLU A 203 -10.27 -14.10 28.84
CA GLU A 203 -10.03 -15.44 29.39
C GLU A 203 -11.17 -16.38 29.09
N SER A 204 -12.39 -15.84 28.93
CA SER A 204 -13.56 -16.66 28.66
C SER A 204 -13.45 -17.34 27.30
N LYS A 205 -12.98 -16.62 26.28
CA LYS A 205 -12.87 -17.14 24.93
C LYS A 205 -11.49 -17.76 24.63
N ALA A 206 -10.62 -17.90 25.64
CA ALA A 206 -9.23 -18.30 25.38
C ALA A 206 -9.12 -19.69 24.75
N LYS A 207 -9.89 -20.67 25.25
CA LYS A 207 -9.79 -22.02 24.70
C LYS A 207 -10.25 -22.06 23.25
N GLU A 208 -11.28 -21.28 22.91
CA GLU A 208 -11.78 -21.29 21.55
C GLU A 208 -10.76 -20.69 20.58
N TYR A 209 -10.09 -19.61 20.98
CA TYR A 209 -9.02 -19.07 20.15
C TYR A 209 -7.89 -20.07 19.99
N LYS A 210 -7.49 -20.72 21.11
CA LYS A 210 -6.48 -21.76 21.02
C LYS A 210 -6.94 -22.90 20.14
N HIS A 211 -8.22 -23.29 20.25
CA HIS A 211 -8.72 -24.41 19.47
C HIS A 211 -8.68 -24.09 17.99
N VAL A 212 -9.09 -22.88 17.61
CA VAL A 212 -9.11 -22.52 16.19
C VAL A 212 -7.69 -22.36 15.64
N CYS A 213 -6.74 -21.90 16.46
CA CYS A 213 -5.36 -21.87 16.02
C CYS A 213 -4.83 -23.28 15.76
N LYS A 214 -5.22 -24.25 16.61
CA LYS A 214 -4.80 -25.63 16.43
C LYS A 214 -5.34 -26.21 15.12
N ARG A 215 -6.65 -26.09 14.89
CA ARG A 215 -7.23 -26.61 13.64
C ARG A 215 -6.62 -25.94 12.43
N ALA A 216 -6.34 -24.64 12.52
CA ALA A 216 -5.77 -23.92 11.39
C ALA A 216 -4.39 -24.49 11.04
N CYS A 217 -3.55 -24.71 12.05
CA CYS A 217 -2.23 -25.26 11.81
C CYS A 217 -2.32 -26.63 11.15
N GLN A 218 -3.26 -27.47 11.63
CA GLN A 218 -3.42 -28.81 11.11
C GLN A 218 -3.87 -28.79 9.67
N LYS A 219 -4.73 -27.84 9.30
CA LYS A 219 -5.13 -27.73 7.91
C LYS A 219 -3.93 -27.42 7.02
N ALA A 220 -3.12 -26.44 7.41
CA ALA A 220 -1.95 -26.08 6.61
C ALA A 220 -0.98 -27.25 6.49
N ILE A 221 -0.70 -27.90 7.61
CA ILE A 221 0.22 -29.04 7.60
C ILE A 221 -0.34 -30.16 6.74
N GLU A 222 -1.65 -30.39 6.83
CA GLU A 222 -2.28 -31.37 5.94
C GLU A 222 -2.05 -31.03 4.47
N LYS A 223 -2.35 -29.77 4.08
CA LYS A 223 -2.10 -29.34 2.70
C LYS A 223 -0.67 -29.60 2.28
N LEU A 224 0.30 -29.18 3.10
CA LEU A 224 1.69 -29.40 2.77
C LEU A 224 1.98 -30.88 2.58
N GLN A 225 1.56 -31.71 3.54
CA GLN A 225 1.88 -33.13 3.45
C GLN A 225 1.29 -33.77 2.20
N ALA A 226 0.18 -33.24 1.72
CA ALA A 226 -0.42 -33.68 0.47
C ALA A 226 0.23 -33.07 -0.77
N GLY A 227 1.27 -32.25 -0.62
CA GLY A 227 1.97 -31.68 -1.76
C GLY A 227 1.55 -30.30 -2.20
N ALA A 228 0.62 -29.66 -1.49
CA ALA A 228 0.11 -28.35 -1.88
C ALA A 228 1.21 -27.30 -1.90
N LEU A 229 0.96 -26.23 -2.62
CA LEU A 229 1.84 -25.07 -2.59
C LEU A 229 1.74 -24.37 -1.24
N ALA A 230 2.81 -23.63 -0.92
CA ALA A 230 2.82 -22.87 0.33
C ALA A 230 1.63 -21.94 0.41
N THR A 231 1.24 -21.34 -0.71
CA THR A 231 0.08 -20.45 -0.70
C THR A 231 -1.21 -21.21 -0.44
N ASP A 232 -1.35 -22.42 -0.98
CA ASP A 232 -2.55 -23.19 -0.69
C ASP A 232 -2.59 -23.58 0.78
N ALA A 233 -1.42 -23.85 1.36
CA ALA A 233 -1.38 -24.25 2.77
C ALA A 233 -1.79 -23.09 3.66
N VAL A 234 -1.25 -21.91 3.39
CA VAL A 234 -1.56 -20.75 4.20
C VAL A 234 -3.00 -20.31 3.99
N THR A 235 -3.52 -20.51 2.77
CA THR A 235 -4.91 -20.17 2.53
C THR A 235 -5.82 -21.09 3.34
N ALA A 236 -5.51 -22.40 3.36
CA ALA A 236 -6.33 -23.36 4.10
C ALA A 236 -6.34 -23.03 5.59
N ALA A 237 -5.21 -22.56 6.13
CA ALA A 237 -5.21 -22.17 7.54
C ALA A 237 -6.07 -20.93 7.76
N LEU A 238 -5.98 -19.95 6.86
CA LEU A 238 -6.76 -18.74 7.05
C LEU A 238 -8.25 -19.01 6.90
N VAL A 239 -8.62 -19.99 6.07
CA VAL A 239 -10.02 -20.35 5.94
C VAL A 239 -10.57 -20.82 7.27
N GLU A 240 -9.80 -21.65 7.98
CA GLU A 240 -10.24 -22.08 9.31
C GLU A 240 -10.38 -20.89 10.24
N LEU A 241 -9.37 -20.00 10.25
CA LEU A 241 -9.39 -18.86 11.15
C LEU A 241 -10.55 -17.92 10.84
N GLU A 242 -10.82 -17.64 9.55
CA GLU A 242 -11.98 -16.83 9.20
C GLU A 242 -13.26 -17.45 9.72
N ASP A 243 -13.40 -18.77 9.55
CA ASP A 243 -14.66 -19.45 9.85
C ASP A 243 -15.02 -19.45 11.33
N SER A 244 -14.09 -19.18 12.22
CA SER A 244 -14.45 -19.04 13.62
C SER A 244 -15.33 -17.83 13.82
N PRO A 245 -16.50 -17.96 14.45
CA PRO A 245 -17.33 -16.79 14.72
C PRO A 245 -16.70 -15.82 15.71
N PHE A 246 -15.61 -16.22 16.37
CA PHE A 246 -14.97 -15.40 17.38
C PHE A 246 -13.88 -14.48 16.81
N THR A 247 -13.45 -14.66 15.57
CA THR A 247 -12.39 -13.85 14.97
C THR A 247 -12.99 -12.73 14.11
N ASN A 248 -12.35 -11.55 14.13
CA ASN A 248 -12.79 -10.44 13.30
C ASN A 248 -12.23 -10.62 11.89
N ALA A 249 -12.79 -11.61 11.19
CA ALA A 249 -12.49 -11.96 9.81
C ALA A 249 -13.51 -12.98 9.36
N GLY A 250 -13.84 -12.95 8.08
CA GLY A 250 -14.85 -13.88 7.58
C GLY A 250 -16.14 -13.79 8.36
N MET A 251 -16.69 -14.94 8.73
CA MET A 251 -17.89 -14.98 9.56
C MET A 251 -17.64 -14.30 10.90
N GLY A 252 -18.54 -13.41 11.29
CA GLY A 252 -18.36 -12.70 12.53
C GLY A 252 -17.49 -11.47 12.44
N SER A 253 -17.13 -11.02 11.24
CA SER A 253 -16.44 -9.75 11.08
C SER A 253 -17.26 -8.62 11.68
N ASN A 254 -16.57 -7.59 12.17
CA ASN A 254 -17.25 -6.42 12.73
C ASN A 254 -18.20 -5.78 11.71
N LEU A 255 -19.27 -5.23 12.21
CA LEU A 255 -20.24 -4.57 11.34
C LEU A 255 -19.85 -3.12 11.12
N ASN A 256 -20.01 -2.65 9.88
CA ASN A 256 -19.67 -1.27 9.64
C ASN A 256 -20.81 -0.37 10.09
N LEU A 257 -20.64 0.92 9.85
CA LEU A 257 -21.62 1.93 10.26
C LEU A 257 -23.05 1.59 9.85
N LEU A 258 -23.24 0.89 8.73
CA LEU A 258 -24.57 0.53 8.27
C LEU A 258 -25.00 -0.86 8.76
N GLY A 259 -24.22 -1.47 9.64
CA GLY A 259 -24.55 -2.78 10.13
C GLY A 259 -24.21 -3.89 9.18
N GLU A 260 -23.31 -3.63 8.24
CA GLU A 260 -22.98 -4.60 7.20
C GLU A 260 -21.52 -5.05 7.29
N ILE A 261 -21.24 -6.16 6.64
CA ILE A 261 -19.92 -6.77 6.66
C ILE A 261 -19.15 -6.36 5.41
N GLU A 262 -17.89 -5.93 5.59
CA GLU A 262 -16.98 -5.61 4.51
C GLU A 262 -15.59 -6.11 4.88
N CYS A 263 -15.06 -7.06 4.11
CA CYS A 263 -13.84 -7.78 4.48
C CYS A 263 -12.64 -7.39 3.64
N ASP A 264 -11.46 -7.39 4.28
CA ASP A 264 -10.16 -7.22 3.63
C ASP A 264 -9.34 -8.50 3.76
N ALA A 265 -8.57 -8.84 2.74
CA ALA A 265 -7.73 -10.03 2.81
C ALA A 265 -6.65 -9.91 1.75
N SER A 266 -5.49 -10.52 2.03
CA SER A 266 -4.41 -10.52 1.05
C SER A 266 -3.49 -11.70 1.31
N ILE A 267 -2.64 -11.97 0.34
CA ILE A 267 -1.77 -13.14 0.35
C ILE A 267 -0.59 -12.88 -0.58
N MET A 268 0.57 -13.38 -0.21
CA MET A 268 1.77 -13.16 -0.99
C MET A 268 2.55 -14.46 -1.10
N ASP A 269 3.10 -14.70 -2.29
CA ASP A 269 3.91 -15.89 -2.53
C ASP A 269 5.38 -15.50 -2.54
N GLY A 270 6.16 -16.09 -1.63
CA GLY A 270 7.58 -15.73 -1.53
C GLY A 270 8.42 -16.16 -2.72
N LYS A 271 8.02 -17.23 -3.42
CA LYS A 271 8.79 -17.73 -4.55
C LYS A 271 8.67 -16.82 -5.77
N SER A 272 7.45 -16.49 -6.16
CA SER A 272 7.24 -15.64 -7.33
C SER A 272 7.10 -14.16 -6.99
N LEU A 273 6.93 -13.81 -5.72
CA LEU A 273 6.63 -12.45 -5.27
C LEU A 273 5.27 -11.95 -5.73
N ASN A 274 4.41 -12.83 -6.21
CA ASN A 274 3.07 -12.45 -6.58
C ASN A 274 2.20 -12.23 -5.35
N PHE A 275 1.11 -11.51 -5.56
CA PHE A 275 0.31 -10.92 -4.52
C PHE A 275 -1.13 -10.91 -4.99
N GLY A 276 -2.07 -11.25 -4.10
CA GLY A 276 -3.49 -11.07 -4.38
C GLY A 276 -4.16 -10.45 -3.18
N ALA A 277 -5.21 -9.68 -3.43
CA ALA A 277 -5.88 -8.98 -2.33
C ALA A 277 -7.29 -8.55 -2.72
N VAL A 278 -8.15 -8.50 -1.70
CA VAL A 278 -9.50 -7.98 -1.83
C VAL A 278 -9.77 -6.99 -0.71
N GLY A 279 -10.56 -5.98 -1.02
CA GLY A 279 -10.93 -4.99 -0.05
C GLY A 279 -12.40 -4.69 -0.14
N ALA A 280 -12.98 -4.31 1.00
CA ALA A 280 -14.39 -3.96 1.10
C ALA A 280 -15.25 -4.96 0.35
N LEU A 281 -15.00 -6.25 0.59
CA LEU A 281 -15.71 -7.35 -0.05
C LEU A 281 -16.84 -7.87 0.85
N SER A 282 -18.05 -7.99 0.28
CA SER A 282 -19.26 -8.48 0.93
C SER A 282 -19.80 -9.69 0.18
N GLY A 283 -20.47 -10.59 0.90
CA GLY A 283 -21.16 -11.70 0.29
C GLY A 283 -20.31 -12.92 -0.01
N ILE A 284 -19.03 -12.93 0.37
CA ILE A 284 -18.16 -14.08 0.14
C ILE A 284 -17.79 -14.68 1.50
N LYS A 285 -17.96 -15.98 1.63
CA LYS A 285 -17.76 -16.57 2.95
C LYS A 285 -16.30 -16.51 3.37
N ASN A 286 -15.38 -16.78 2.44
CA ASN A 286 -13.95 -16.76 2.75
C ASN A 286 -13.20 -15.75 1.89
N PRO A 287 -13.07 -14.51 2.33
CA PRO A 287 -12.32 -13.50 1.55
C PRO A 287 -10.93 -13.94 1.12
N VAL A 288 -10.21 -14.69 1.97
CA VAL A 288 -8.85 -15.09 1.64
C VAL A 288 -8.83 -15.97 0.42
N SER A 289 -9.92 -16.71 0.18
CA SER A 289 -10.01 -17.55 -1.00
C SER A 289 -10.03 -16.76 -2.28
N VAL A 290 -10.65 -15.57 -2.28
CA VAL A 290 -10.62 -14.74 -3.48
C VAL A 290 -9.21 -14.21 -3.71
N ALA A 291 -8.57 -13.74 -2.63
CA ALA A 291 -7.21 -13.25 -2.74
C ALA A 291 -6.28 -14.33 -3.24
N ASN A 292 -6.42 -15.55 -2.72
CA ASN A 292 -5.61 -16.67 -3.21
C ASN A 292 -5.92 -16.99 -4.66
N ARG A 293 -7.19 -16.91 -5.05
CA ARG A 293 -7.54 -17.21 -6.44
C ARG A 293 -6.90 -16.18 -7.38
N LEU A 294 -6.90 -14.91 -6.99
CA LEU A 294 -6.22 -13.88 -7.79
C LEU A 294 -4.74 -14.19 -7.96
N LEU A 295 -4.07 -14.59 -6.88
CA LEU A 295 -2.66 -14.93 -6.98
C LEU A 295 -2.46 -16.10 -7.93
N CYS A 296 -3.30 -17.13 -7.79
CA CYS A 296 -3.21 -18.31 -8.66
C CYS A 296 -3.47 -17.94 -10.11
N GLU A 297 -4.56 -17.20 -10.38
CA GLU A 297 -4.84 -16.87 -11.77
C GLU A 297 -3.77 -15.97 -12.35
N GLY A 298 -3.21 -15.11 -11.51
CA GLY A 298 -2.22 -14.15 -11.95
C GLY A 298 -0.87 -14.73 -12.34
N GLN A 299 -0.67 -16.04 -12.18
CA GLN A 299 0.59 -16.65 -12.60
C GLN A 299 0.47 -17.23 -14.00
N ILE A 308 -2.40 -7.85 -18.36
CA ILE A 308 -2.02 -7.88 -16.96
C ILE A 308 -3.19 -8.29 -16.09
N PRO A 309 -3.07 -9.46 -15.43
CA PRO A 309 -4.14 -9.90 -14.56
C PRO A 309 -4.20 -9.03 -13.32
N PRO A 310 -5.37 -8.88 -12.70
CA PRO A 310 -5.48 -8.02 -11.52
C PRO A 310 -4.87 -8.69 -10.30
N CYS A 311 -4.34 -7.88 -9.40
CA CYS A 311 -3.92 -8.40 -8.10
CA CYS A 311 -3.89 -8.36 -8.09
C CYS A 311 -4.77 -7.89 -6.95
N PHE A 312 -5.53 -6.82 -7.14
CA PHE A 312 -6.26 -6.14 -6.07
C PHE A 312 -7.61 -5.70 -6.58
N LEU A 313 -8.67 -6.34 -6.09
CA LEU A 313 -10.05 -6.07 -6.47
C LEU A 313 -10.86 -5.69 -5.24
N VAL A 314 -11.79 -4.74 -5.39
CA VAL A 314 -12.56 -4.24 -4.25
C VAL A 314 -14.05 -4.23 -4.55
N GLY A 315 -14.84 -4.30 -3.48
CA GLY A 315 -16.26 -3.97 -3.54
C GLY A 315 -17.02 -4.85 -4.52
N GLU A 316 -17.96 -4.21 -5.22
CA GLU A 316 -18.88 -4.94 -6.10
C GLU A 316 -18.12 -5.80 -7.12
N GLY A 317 -17.11 -5.23 -7.77
CA GLY A 317 -16.38 -5.98 -8.78
C GLY A 317 -15.67 -7.17 -8.23
N ALA A 318 -15.15 -7.07 -7.00
CA ALA A 318 -14.49 -8.22 -6.39
C ALA A 318 -15.48 -9.34 -6.14
N TYR A 319 -16.67 -9.01 -5.66
CA TYR A 319 -17.72 -10.00 -5.45
C TYR A 319 -18.06 -10.70 -6.75
N ARG A 320 -18.27 -9.91 -7.81
CA ARG A 320 -18.63 -10.45 -9.11
C ARG A 320 -17.53 -11.36 -9.64
N TRP A 321 -16.28 -10.93 -9.50
CA TRP A 321 -15.16 -11.76 -9.93
C TRP A 321 -15.14 -13.08 -9.18
N ALA A 322 -15.34 -13.05 -7.86
CA ALA A 322 -15.32 -14.28 -7.06
C ALA A 322 -16.43 -15.23 -7.50
N VAL A 323 -17.65 -14.69 -7.66
CA VAL A 323 -18.76 -15.51 -8.10
C VAL A 323 -18.45 -16.15 -9.45
N ASP A 324 -17.90 -15.37 -10.38
CA ASP A 324 -17.60 -15.91 -11.70
C ASP A 324 -16.48 -16.94 -11.67
N HIS A 325 -15.71 -17.02 -10.59
CA HIS A 325 -14.64 -18.01 -10.50
C HIS A 325 -15.00 -19.19 -9.60
N GLY A 326 -16.28 -19.36 -9.29
CA GLY A 326 -16.69 -20.53 -8.54
C GLY A 326 -16.45 -20.47 -7.06
N ILE A 327 -16.16 -19.29 -6.52
CA ILE A 327 -15.87 -19.16 -5.10
C ILE A 327 -17.18 -19.06 -4.32
N PRO A 328 -17.35 -19.80 -3.24
CA PRO A 328 -18.68 -19.90 -2.62
C PRO A 328 -19.12 -18.56 -2.04
N SER A 329 -20.33 -18.17 -2.40
CA SER A 329 -20.89 -16.87 -2.10
C SER A 329 -22.05 -17.02 -1.13
N CYS A 330 -22.75 -15.91 -0.90
CA CYS A 330 -24.00 -15.84 -0.18
C CYS A 330 -24.69 -14.57 -0.65
N PRO A 331 -25.74 -14.67 -1.49
CA PRO A 331 -26.32 -13.46 -2.08
C PRO A 331 -27.06 -12.60 -1.07
N LEU A 332 -27.60 -13.21 -0.01
CA LEU A 332 -28.31 -12.47 1.03
C LEU A 332 -27.37 -11.69 1.95
N GLU A 333 -26.06 -11.87 1.84
CA GLU A 333 -25.09 -11.10 2.62
C GLU A 333 -24.28 -10.13 1.75
N HIS A 334 -24.71 -9.89 0.51
CA HIS A 334 -24.03 -8.98 -0.41
C HIS A 334 -24.89 -7.75 -0.65
N HIS A 335 -24.29 -6.56 -0.51
CA HIS A 335 -24.99 -5.30 -0.69
C HIS A 335 -24.43 -4.53 -1.88
N HIS A 336 -25.34 -4.02 -2.72
CA HIS A 336 -24.99 -3.21 -3.89
C HIS A 336 -25.82 -1.93 -3.78
N HIS A 337 -25.31 -0.94 -3.04
CA HIS A 337 -26.05 0.29 -2.79
C HIS A 337 -26.35 1.03 -4.11
N HIS A 338 -25.31 1.34 -4.88
CA HIS A 338 -25.40 1.92 -6.23
C HIS A 338 -26.68 2.73 -6.55
N THR B 2 -2.42 8.46 -16.10
CA THR B 2 -2.08 8.86 -14.73
C THR B 2 -1.59 10.32 -14.77
N VAL B 3 -1.94 11.14 -13.78
CA VAL B 3 -1.39 12.48 -13.67
C VAL B 3 -0.85 12.66 -12.26
N GLY B 4 0.11 13.56 -12.08
CA GLY B 4 0.70 13.75 -10.77
C GLY B 4 1.30 15.14 -10.57
N ALA B 5 1.55 15.46 -9.30
CA ALA B 5 2.19 16.73 -8.99
C ALA B 5 2.90 16.63 -7.65
N VAL B 6 3.93 17.47 -7.49
CA VAL B 6 4.65 17.64 -6.23
C VAL B 6 4.88 19.12 -5.97
N VAL B 7 4.77 19.51 -4.71
CA VAL B 7 4.79 20.91 -4.31
C VAL B 7 5.68 21.05 -3.09
N VAL B 8 6.42 22.14 -3.03
CA VAL B 8 7.10 22.56 -1.82
C VAL B 8 6.69 24.00 -1.53
N ASP B 9 6.30 24.27 -0.29
CA ASP B 9 5.84 25.59 0.09
C ASP B 9 7.03 26.43 0.53
N HIS B 10 6.76 27.68 0.93
CA HIS B 10 7.84 28.60 1.19
C HIS B 10 8.63 28.22 2.44
N GLU B 11 8.12 27.33 3.28
CA GLU B 11 8.82 26.88 4.49
C GLU B 11 9.54 25.55 4.31
N GLY B 12 9.51 24.95 3.13
CA GLY B 12 10.10 23.64 2.94
C GLY B 12 9.19 22.46 3.20
N ASN B 13 7.90 22.69 3.48
CA ASN B 13 6.93 21.60 3.54
C ASN B 13 6.58 21.09 2.15
N VAL B 14 6.49 19.76 2.01
CA VAL B 14 6.27 19.14 0.71
C VAL B 14 4.94 18.39 0.73
N ALA B 15 4.41 18.17 -0.47
CA ALA B 15 3.19 17.40 -0.68
C ALA B 15 3.30 16.72 -2.04
N ALA B 16 2.57 15.61 -2.18
CA ALA B 16 2.56 14.82 -3.41
C ALA B 16 1.17 14.27 -3.64
N ALA B 17 0.79 14.15 -4.92
CA ALA B 17 -0.51 13.55 -5.21
C ALA B 17 -0.44 12.83 -6.56
N VAL B 18 -1.41 11.93 -6.79
CA VAL B 18 -1.46 11.14 -8.01
C VAL B 18 -2.93 10.80 -8.30
N SER B 19 -3.28 10.68 -9.57
CA SER B 19 -4.66 10.40 -9.96
C SER B 19 -4.63 9.63 -11.28
N SER B 20 -5.51 8.64 -11.40
CA SER B 20 -5.47 7.79 -12.57
C SER B 20 -6.86 7.23 -12.86
N GLY B 21 -7.10 6.91 -14.13
CA GLY B 21 -8.21 6.07 -14.53
C GLY B 21 -7.84 4.61 -14.65
N GLY B 22 -6.55 4.30 -14.55
CA GLY B 22 -6.15 2.92 -14.52
C GLY B 22 -6.15 2.26 -15.89
N LEU B 23 -5.98 0.94 -15.82
CA LEU B 23 -5.87 0.12 -17.02
C LEU B 23 -7.16 0.11 -17.82
N ALA B 24 -7.05 0.40 -19.12
CA ALA B 24 -8.21 0.29 -19.99
C ALA B 24 -8.73 -1.14 -19.99
N LEU B 25 -10.06 -1.27 -20.04
CA LEU B 25 -10.75 -2.57 -20.07
C LEU B 25 -10.51 -3.40 -18.80
N LYS B 26 -10.02 -2.80 -17.73
CA LYS B 26 -9.78 -3.56 -16.50
C LYS B 26 -11.08 -4.17 -15.99
N HIS B 27 -10.93 -5.25 -15.21
CA HIS B 27 -12.10 -5.82 -14.59
C HIS B 27 -12.66 -4.82 -13.59
N PRO B 28 -13.98 -4.73 -13.44
CA PRO B 28 -14.55 -3.82 -12.45
C PRO B 28 -14.01 -4.08 -11.02
N GLY B 29 -13.76 -2.99 -10.30
CA GLY B 29 -13.22 -3.07 -8.97
C GLY B 29 -11.71 -3.20 -8.89
N ARG B 30 -11.01 -3.26 -10.01
CA ARG B 30 -9.55 -3.30 -9.98
C ARG B 30 -8.99 -1.96 -9.54
N VAL B 31 -8.19 -1.99 -8.49
CA VAL B 31 -7.54 -0.82 -7.91
C VAL B 31 -6.05 -0.96 -8.19
N GLY B 32 -5.43 0.11 -8.69
CA GLY B 32 -4.02 0.11 -9.01
C GLY B 32 -3.21 1.05 -8.12
N GLN B 33 -1.97 1.26 -8.55
CA GLN B 33 -0.94 1.94 -7.77
C GLN B 33 -1.35 3.35 -7.33
N ALA B 34 -2.20 4.05 -8.09
CA ALA B 34 -2.47 5.45 -7.73
C ALA B 34 -3.26 5.59 -6.43
N ALA B 35 -3.83 4.51 -5.92
CA ALA B 35 -4.57 4.51 -4.67
C ALA B 35 -3.77 3.95 -3.49
N LEU B 36 -2.60 3.35 -3.73
CA LEU B 36 -1.94 2.51 -2.74
C LEU B 36 -0.87 3.28 -1.98
N TYR B 37 -0.96 3.25 -0.67
CA TYR B 37 -0.02 3.96 0.19
C TYR B 37 1.41 3.56 -0.15
N GLY B 38 2.26 4.57 -0.36
CA GLY B 38 3.66 4.33 -0.66
C GLY B 38 3.98 3.98 -2.10
N CYS B 39 3.00 3.61 -2.90
CA CYS B 39 3.26 3.19 -4.27
C CYS B 39 3.09 4.34 -5.27
N GLY B 40 1.93 4.99 -5.27
CA GLY B 40 1.63 6.04 -6.22
C GLY B 40 2.26 7.38 -5.89
N CYS B 41 2.27 7.77 -4.62
CA CYS B 41 2.91 9.03 -4.25
C CYS B 41 3.51 8.91 -2.87
N TRP B 42 4.34 9.88 -2.54
CA TRP B 42 5.00 9.93 -1.24
C TRP B 42 5.47 11.35 -0.98
N ALA B 43 5.35 11.79 0.27
CA ALA B 43 5.83 13.10 0.67
C ALA B 43 6.32 12.99 2.10
N GLU B 44 7.53 13.46 2.35
CA GLU B 44 8.12 13.27 3.66
C GLU B 44 9.00 14.47 3.94
N ASN B 45 8.62 15.29 4.94
CA ASN B 45 9.48 16.41 5.33
C ASN B 45 10.80 15.88 5.90
N THR B 46 11.80 16.75 5.90
CA THR B 46 13.10 16.36 6.43
C THR B 46 12.98 16.02 7.91
N GLY B 47 13.66 14.95 8.31
CA GLY B 47 13.60 14.48 9.68
C GLY B 47 14.90 13.89 10.19
N ALA B 48 14.79 12.95 11.13
CA ALA B 48 15.98 12.41 11.79
C ALA B 48 16.88 11.69 10.80
N HIS B 49 16.35 10.66 10.16
CA HIS B 49 17.09 9.90 9.15
C HIS B 49 16.80 10.37 7.72
N ASN B 50 16.05 11.46 7.55
CA ASN B 50 15.71 12.01 6.24
C ASN B 50 16.23 13.44 6.15
N PRO B 51 17.44 13.64 5.62
CA PRO B 51 18.02 15.01 5.57
C PRO B 51 17.38 15.92 4.53
N TYR B 52 16.63 15.39 3.57
CA TYR B 52 15.92 16.18 2.58
C TYR B 52 14.42 16.04 2.79
N SER B 53 13.69 17.11 2.51
CA SER B 53 12.27 16.99 2.27
C SER B 53 12.07 16.48 0.85
N THR B 54 11.29 15.39 0.69
CA THR B 54 11.15 14.73 -0.59
CA THR B 54 11.15 14.70 -0.57
C THR B 54 9.68 14.49 -0.89
N ALA B 55 9.35 14.57 -2.18
CA ALA B 55 8.00 14.37 -2.69
C ALA B 55 8.08 13.63 -4.01
N VAL B 56 7.24 12.60 -4.17
CA VAL B 56 7.32 11.71 -5.32
C VAL B 56 5.92 11.40 -5.82
N SER B 57 5.75 11.41 -7.15
CA SER B 57 4.50 10.98 -7.76
C SER B 57 4.88 10.12 -8.94
N THR B 58 4.12 9.06 -9.15
CA THR B 58 4.53 8.06 -10.14
C THR B 58 3.45 7.87 -11.19
N SER B 59 3.84 7.17 -12.25
CA SER B 59 2.94 6.90 -13.35
C SER B 59 3.29 5.54 -13.91
N GLY B 60 2.26 4.74 -14.21
N GLY B 60 2.27 4.80 -14.29
CA GLY B 60 2.45 3.38 -14.65
CA GLY B 60 2.45 3.53 -14.95
C GLY B 60 1.29 2.99 -15.55
C GLY B 60 1.07 3.01 -15.28
N CYS B 61 1.45 1.87 -16.26
N CYS B 61 1.05 1.90 -16.00
CA CYS B 61 0.42 1.41 -17.17
CA CYS B 61 -0.21 1.21 -16.16
C CYS B 61 -0.21 0.08 -16.72
C CYS B 61 -0.18 -0.07 -15.32
N GLY B 62 -0.02 -0.32 -15.47
N GLY B 62 -0.94 -1.08 -15.73
CA GLY B 62 -0.69 -1.49 -14.91
CA GLY B 62 -1.17 -2.22 -14.87
C GLY B 62 0.23 -2.61 -14.48
C GLY B 62 0.08 -2.98 -14.50
N GLU B 63 1.03 -3.10 -15.43
CA GLU B 63 2.13 -4.03 -15.23
C GLU B 63 2.87 -3.77 -13.92
N HIS B 64 2.42 -4.42 -12.85
CA HIS B 64 2.96 -4.21 -11.53
C HIS B 64 4.40 -4.69 -11.44
N LEU B 65 5.16 -4.05 -10.57
CA LEU B 65 6.55 -4.34 -10.35
C LEU B 65 6.70 -5.40 -9.25
N VAL B 66 7.78 -6.20 -9.35
CA VAL B 66 7.87 -7.46 -8.60
C VAL B 66 7.73 -7.21 -7.10
N ARG B 67 8.51 -6.28 -6.55
CA ARG B 67 8.46 -6.07 -5.11
C ARG B 67 8.90 -4.65 -4.79
N THR B 68 8.19 -3.62 -5.27
CA THR B 68 8.84 -2.32 -5.30
C THR B 68 8.29 -1.25 -4.35
N ILE B 69 6.97 -1.02 -4.27
CA ILE B 69 6.48 0.15 -3.53
C ILE B 69 7.20 1.44 -3.97
N LEU B 70 6.89 1.88 -5.19
CA LEU B 70 7.82 2.67 -5.99
C LEU B 70 8.09 4.06 -5.40
N ALA B 71 7.03 4.82 -5.11
CA ALA B 71 7.23 6.23 -4.73
C ALA B 71 8.04 6.33 -3.45
N ARG B 72 7.70 5.51 -2.45
CA ARG B 72 8.44 5.53 -1.20
C ARG B 72 9.88 5.07 -1.41
N GLU B 73 10.10 4.16 -2.36
CA GLU B 73 11.45 3.69 -2.66
C GLU B 73 12.28 4.82 -3.28
N CYS B 74 11.68 5.58 -4.22
CA CYS B 74 12.37 6.73 -4.79
C CYS B 74 12.72 7.75 -3.72
N SER B 75 11.76 8.07 -2.85
CA SER B 75 11.99 9.03 -1.79
C SER B 75 13.20 8.64 -0.95
N HIS B 76 13.32 7.35 -0.63
CA HIS B 76 14.46 6.88 0.14
C HIS B 76 15.74 6.94 -0.68
N ALA B 77 15.67 6.63 -1.99
CA ALA B 77 16.86 6.76 -2.81
C ALA B 77 17.32 8.20 -2.90
N LEU B 78 16.38 9.15 -2.84
CA LEU B 78 16.74 10.55 -2.96
C LEU B 78 17.44 11.09 -1.73
N GLN B 79 17.63 10.29 -0.67
CA GLN B 79 18.45 10.72 0.46
C GLN B 79 19.94 10.59 0.19
N ALA B 80 20.33 9.93 -0.89
CA ALA B 80 21.73 9.92 -1.27
C ALA B 80 22.16 11.33 -1.69
N GLU B 81 23.46 11.54 -1.83
CA GLU B 81 23.96 12.85 -2.21
C GLU B 81 23.52 13.21 -3.63
N ASP B 82 23.78 12.32 -4.58
CA ASP B 82 23.58 12.59 -6.00
C ASP B 82 22.18 12.12 -6.40
N ALA B 83 21.24 13.07 -6.47
CA ALA B 83 19.83 12.76 -6.74
C ALA B 83 19.65 12.15 -8.12
N HIS B 84 20.30 12.73 -9.13
CA HIS B 84 20.22 12.23 -10.49
C HIS B 84 20.61 10.76 -10.56
N GLN B 85 21.78 10.42 -10.01
CA GLN B 85 22.23 9.03 -10.02
C GLN B 85 21.30 8.13 -9.23
N ALA B 86 20.81 8.61 -8.09
CA ALA B 86 19.93 7.83 -7.23
C ALA B 86 18.64 7.47 -7.97
N LEU B 87 18.00 8.45 -8.59
CA LEU B 87 16.76 8.17 -9.30
C LEU B 87 17.02 7.24 -10.47
N LEU B 88 18.09 7.50 -11.22
CA LEU B 88 18.43 6.67 -12.37
C LEU B 88 18.65 5.23 -11.97
N GLU B 89 19.40 5.01 -10.89
CA GLU B 89 19.66 3.63 -10.47
C GLU B 89 18.37 2.96 -10.05
N THR B 90 17.48 3.70 -9.40
CA THR B 90 16.19 3.15 -9.02
C THR B 90 15.39 2.77 -10.25
N MET B 91 15.27 3.71 -11.19
CA MET B 91 14.55 3.42 -12.44
C MET B 91 15.14 2.21 -13.13
N GLN B 92 16.47 2.08 -13.09
CA GLN B 92 17.11 0.97 -13.80
C GLN B 92 16.78 -0.37 -13.14
N ASN B 93 16.83 -0.42 -11.81
CA ASN B 93 16.59 -1.68 -11.13
C ASN B 93 15.13 -2.07 -11.22
N LYS B 94 14.23 -1.11 -10.95
CA LYS B 94 12.80 -1.39 -10.85
C LYS B 94 12.12 -1.59 -12.19
N PHE B 95 12.65 -1.05 -13.28
CA PHE B 95 11.98 -1.12 -14.58
C PHE B 95 12.75 -1.96 -15.59
N ILE B 96 14.01 -1.63 -15.85
CA ILE B 96 14.80 -2.29 -16.89
C ILE B 96 15.39 -3.61 -16.39
N SER B 97 16.01 -3.62 -15.20
CA SER B 97 16.83 -4.77 -14.79
C SER B 97 15.97 -5.97 -14.40
N SER B 98 15.12 -5.80 -13.37
CA SER B 98 14.12 -6.79 -12.90
C SER B 98 13.69 -6.40 -11.48
N GLY B 106 10.12 -5.81 -20.30
CA GLY B 106 10.00 -4.37 -20.15
C GLY B 106 8.84 -3.90 -19.30
N VAL B 107 9.05 -2.82 -18.54
CA VAL B 107 8.04 -2.22 -17.67
C VAL B 107 7.99 -0.73 -17.95
N LEU B 108 6.77 -0.21 -18.20
CA LEU B 108 6.57 1.15 -18.69
C LEU B 108 6.05 2.03 -17.56
N GLY B 109 6.75 3.13 -17.30
CA GLY B 109 6.28 4.06 -16.27
C GLY B 109 7.15 5.30 -16.22
N GLY B 110 6.83 6.16 -15.26
CA GLY B 110 7.59 7.38 -15.02
C GLY B 110 7.40 7.88 -13.60
N VAL B 111 8.20 8.89 -13.25
CA VAL B 111 8.16 9.49 -11.92
C VAL B 111 8.48 10.97 -12.06
N ILE B 112 7.93 11.77 -11.14
CA ILE B 112 8.42 13.11 -10.88
C ILE B 112 8.81 13.19 -9.41
N VAL B 113 9.89 13.89 -9.11
CA VAL B 113 10.40 13.99 -7.75
C VAL B 113 10.86 15.40 -7.53
N LEU B 114 10.84 15.82 -6.27
CA LEU B 114 11.63 16.95 -5.83
C LEU B 114 12.20 16.62 -4.46
N ARG B 115 13.33 17.24 -4.16
CA ARG B 115 13.87 17.20 -2.81
C ARG B 115 14.35 18.61 -2.46
N SER B 116 14.06 19.04 -1.23
CA SER B 116 14.48 20.36 -0.80
C SER B 116 15.24 20.26 0.52
N CYS B 117 16.06 21.27 0.78
CA CYS B 117 16.68 21.43 2.08
C CYS B 117 16.87 22.91 2.34
N ARG B 118 16.73 23.30 3.59
CA ARG B 118 16.93 24.69 4.00
C ARG B 118 18.42 24.99 4.08
N CYS B 119 18.79 26.14 3.53
CA CYS B 119 20.18 26.62 3.61
C CYS B 119 20.27 27.78 4.59
N GLN B 130 17.71 32.74 5.41
CA GLN B 130 17.29 31.36 5.14
C GLN B 130 16.67 31.22 3.74
N THR B 131 17.21 30.30 2.94
CA THR B 131 16.75 30.05 1.58
C THR B 131 16.54 28.56 1.39
N LEU B 132 15.76 28.23 0.37
CA LEU B 132 15.36 26.86 0.06
C LEU B 132 15.96 26.43 -1.27
N LEU B 133 16.68 25.31 -1.26
CA LEU B 133 17.27 24.72 -2.46
C LEU B 133 16.40 23.55 -2.91
N VAL B 134 15.84 23.65 -4.12
CA VAL B 134 14.94 22.64 -4.63
C VAL B 134 15.58 21.99 -5.86
N GLU B 135 15.79 20.69 -5.77
CA GLU B 135 16.24 19.86 -6.88
C GLU B 135 15.03 19.06 -7.37
N PHE B 136 14.78 19.07 -8.68
CA PHE B 136 13.59 18.41 -9.21
C PHE B 136 13.95 17.61 -10.43
N LEU B 137 13.25 16.49 -10.63
CA LEU B 137 13.60 15.56 -11.69
C LEU B 137 12.35 14.84 -12.16
N TRP B 138 12.40 14.36 -13.41
CA TRP B 138 11.41 13.45 -13.94
C TRP B 138 12.15 12.37 -14.71
N SER B 139 11.54 11.19 -14.78
CA SER B 139 12.21 10.07 -15.41
C SER B 139 11.17 9.08 -15.88
N HIS B 140 11.40 8.48 -17.04
CA HIS B 140 10.41 7.58 -17.60
C HIS B 140 11.08 6.56 -18.51
N THR B 141 10.40 5.42 -18.66
CA THR B 141 10.75 4.40 -19.63
C THR B 141 9.73 4.35 -20.75
N THR B 142 8.69 5.17 -20.67
CA THR B 142 7.75 5.31 -21.77
C THR B 142 8.40 6.10 -22.88
N GLU B 143 7.79 6.02 -24.07
CA GLU B 143 8.31 6.79 -25.20
C GLU B 143 8.45 8.27 -24.84
N SER B 144 7.42 8.84 -24.22
CA SER B 144 7.45 10.26 -23.90
C SER B 144 6.68 10.54 -22.60
N MET B 145 6.84 11.78 -22.11
CA MET B 145 6.23 12.25 -20.88
C MET B 145 6.21 13.76 -20.89
N CYS B 146 5.08 14.35 -20.49
CA CYS B 146 4.91 15.80 -20.48
C CYS B 146 4.91 16.31 -19.04
N VAL B 147 5.82 17.22 -18.72
CA VAL B 147 5.92 17.79 -17.39
C VAL B 147 5.80 19.30 -17.49
N GLY B 148 5.42 19.89 -16.38
CA GLY B 148 5.43 21.34 -16.23
C GLY B 148 5.89 21.70 -14.84
N TYR B 149 6.51 22.87 -14.73
CA TYR B 149 7.00 23.31 -13.45
C TYR B 149 7.07 24.83 -13.42
N MET B 150 7.07 25.36 -12.20
CA MET B 150 6.94 26.80 -12.00
C MET B 150 7.33 27.10 -10.56
N SER B 151 8.02 28.20 -10.39
CA SER B 151 8.34 28.71 -9.07
C SER B 151 7.45 29.91 -8.81
N ALA B 152 7.21 30.19 -7.54
CA ALA B 152 6.43 31.39 -7.22
C ALA B 152 7.16 32.65 -7.66
N GLN B 153 8.51 32.64 -7.63
CA GLN B 153 9.25 33.84 -8.02
C GLN B 153 9.28 34.04 -9.54
N ASP B 154 9.61 32.99 -10.32
CA ASP B 154 9.84 33.18 -11.76
C ASP B 154 8.57 33.63 -12.48
N GLY B 155 7.39 33.31 -11.94
CA GLY B 155 6.17 33.89 -12.44
C GLY B 155 5.68 33.37 -13.78
N LYS B 156 6.42 32.49 -14.44
CA LYS B 156 6.03 31.96 -15.73
C LYS B 156 6.20 30.45 -15.69
N ALA B 157 5.15 29.73 -16.05
CA ALA B 157 5.23 28.27 -16.06
C ALA B 157 6.10 27.79 -17.22
N LYS B 158 6.78 26.68 -17.01
CA LYS B 158 7.57 26.04 -18.06
C LYS B 158 7.00 24.65 -18.28
N THR B 159 6.75 24.30 -19.54
CA THR B 159 6.25 22.98 -19.89
C THR B 159 7.17 22.34 -20.90
N HIS B 160 7.24 21.02 -20.85
CA HIS B 160 8.29 20.29 -21.55
C HIS B 160 7.83 18.88 -21.87
N ILE B 161 8.19 18.40 -23.05
CA ILE B 161 7.90 17.04 -23.49
C ILE B 161 9.20 16.27 -23.55
N SER B 162 9.32 15.27 -22.68
CA SER B 162 10.51 14.45 -22.56
C SER B 162 10.35 13.23 -23.44
N ARG B 163 11.36 12.92 -24.24
CA ARG B 163 11.29 11.79 -25.16
C ARG B 163 12.44 10.83 -24.86
N LEU B 164 12.22 9.57 -25.16
CA LEU B 164 13.33 8.63 -25.18
C LEU B 164 14.28 9.03 -26.30
N PRO B 165 15.59 8.85 -26.12
CA PRO B 165 16.52 9.21 -27.19
C PRO B 165 16.21 8.42 -28.44
N PRO B 166 16.35 9.02 -29.62
CA PRO B 166 16.09 8.29 -30.87
C PRO B 166 16.85 6.98 -30.95
N GLY B 167 16.14 5.91 -31.34
CA GLY B 167 16.70 4.59 -31.37
C GLY B 167 16.49 3.78 -30.11
N ALA B 168 16.17 4.43 -28.99
CA ALA B 168 15.89 3.72 -27.76
C ALA B 168 14.58 2.95 -27.87
N VAL B 169 14.38 2.02 -26.94
CA VAL B 169 13.22 1.14 -26.95
C VAL B 169 12.47 1.33 -25.64
N ALA B 170 11.20 1.72 -25.73
CA ALA B 170 10.38 1.88 -24.54
C ALA B 170 10.40 0.59 -23.72
N GLY B 171 10.57 0.76 -22.40
CA GLY B 171 10.70 -0.37 -21.51
C GLY B 171 12.10 -0.93 -21.38
N GLN B 172 13.04 -0.47 -22.20
CA GLN B 172 14.44 -0.85 -22.08
C GLN B 172 15.36 0.32 -21.86
N SER B 173 14.89 1.56 -22.02
CA SER B 173 15.70 2.75 -21.83
C SER B 173 15.05 3.63 -20.77
N VAL B 174 15.87 4.44 -20.11
CA VAL B 174 15.42 5.39 -19.10
C VAL B 174 15.81 6.78 -19.59
N ALA B 175 14.85 7.70 -19.63
CA ALA B 175 15.13 9.10 -19.81
C ALA B 175 14.98 9.81 -18.47
N ILE B 176 15.91 10.71 -18.18
CA ILE B 176 15.88 11.42 -16.91
C ILE B 176 16.40 12.83 -17.12
N GLU B 177 15.60 13.82 -16.72
CA GLU B 177 15.98 15.22 -16.82
C GLU B 177 15.53 15.93 -15.54
N GLY B 178 16.08 17.11 -15.31
CA GLY B 178 15.68 17.86 -14.16
C GLY B 178 16.37 19.20 -14.09
N GLY B 179 16.29 19.81 -12.92
CA GLY B 179 16.90 21.11 -12.73
C GLY B 179 16.89 21.47 -11.27
N VAL B 180 17.35 22.70 -11.00
CA VAL B 180 17.53 23.24 -9.67
C VAL B 180 16.85 24.60 -9.61
N CYS B 181 16.24 24.90 -8.47
CA CYS B 181 15.59 26.16 -8.19
C CYS B 181 15.90 26.58 -6.76
N ARG B 182 16.15 27.88 -6.57
CA ARG B 182 16.34 28.48 -5.25
C ARG B 182 15.15 29.37 -4.92
N LEU B 183 14.75 29.38 -3.65
CA LEU B 183 13.55 30.07 -3.22
C LEU B 183 13.88 30.99 -2.04
N GLU B 184 13.31 32.20 -2.05
CA GLU B 184 13.35 33.03 -0.86
C GLU B 184 12.58 32.32 0.24
N GLY B 185 13.26 32.03 1.35
CA GLY B 185 12.72 31.21 2.40
C GLY B 185 11.68 31.85 3.29
N SER B 186 11.27 33.08 3.01
CA SER B 186 10.32 33.73 3.89
C SER B 186 9.31 34.58 3.12
N GLY B 187 8.96 34.18 1.91
CA GLY B 187 7.85 34.86 1.27
C GLY B 187 6.56 34.10 1.54
N SER B 188 5.78 33.94 0.49
CA SER B 188 4.66 33.00 0.49
C SER B 188 4.77 32.13 -0.74
N GLY B 189 6.01 31.90 -1.19
CA GLY B 189 6.27 31.25 -2.44
C GLY B 189 6.28 29.74 -2.35
N GLY B 190 7.06 29.14 -3.24
CA GLY B 190 7.12 27.69 -3.32
C GLY B 190 7.37 27.24 -4.74
N PHE B 191 7.22 25.94 -4.94
CA PHE B 191 7.56 25.36 -6.22
C PHE B 191 6.67 24.15 -6.48
N VAL B 192 6.35 23.92 -7.77
CA VAL B 192 5.48 22.83 -8.17
C VAL B 192 6.02 22.17 -9.43
N LEU B 193 5.96 20.84 -9.47
CA LEU B 193 6.25 20.05 -10.66
C LEU B 193 5.07 19.12 -10.92
N VAL B 194 4.59 19.08 -12.16
CA VAL B 194 3.44 18.25 -12.53
C VAL B 194 3.81 17.40 -13.74
N HIS B 195 2.98 16.39 -14.01
CA HIS B 195 3.12 15.63 -15.24
C HIS B 195 1.73 15.21 -15.68
N ALA B 196 1.52 15.21 -17.00
CA ALA B 196 0.21 14.92 -17.58
C ALA B 196 0.10 13.46 -18.00
N GLY B 197 1.16 12.70 -17.81
CA GLY B 197 1.12 11.29 -18.10
C GLY B 197 2.37 10.91 -18.86
N ALA B 198 2.64 9.62 -18.86
CA ALA B 198 3.78 9.04 -19.54
C ALA B 198 3.23 7.95 -20.46
N GLY B 199 3.49 8.07 -21.76
CA GLY B 199 2.99 7.05 -22.66
C GLY B 199 3.53 7.12 -24.07
N TYR B 200 2.71 6.76 -25.04
CA TYR B 200 3.14 6.85 -26.43
C TYR B 200 3.17 8.31 -26.86
N HIS B 201 4.20 8.68 -27.62
CA HIS B 201 4.32 10.06 -28.07
C HIS B 201 3.17 10.36 -29.01
N SER B 202 2.56 11.52 -28.84
CA SER B 202 1.44 11.97 -29.67
C SER B 202 1.69 13.43 -30.03
N GLU B 203 2.39 13.66 -31.15
CA GLU B 203 2.71 15.01 -31.55
C GLU B 203 1.47 15.87 -31.75
N SER B 204 0.35 15.25 -32.12
CA SER B 204 -0.89 16.02 -32.34
C SER B 204 -1.43 16.60 -31.04
N LYS B 205 -1.44 15.81 -29.96
CA LYS B 205 -2.00 16.25 -28.69
C LYS B 205 -0.96 16.94 -27.81
N ALA B 206 0.24 17.17 -28.35
CA ALA B 206 1.31 17.76 -27.54
C ALA B 206 0.94 19.16 -27.06
N LYS B 207 0.26 19.93 -27.90
CA LYS B 207 -0.07 21.29 -27.51
C LYS B 207 -0.99 21.30 -26.30
N GLU B 208 -1.99 20.42 -26.27
CA GLU B 208 -2.89 20.39 -25.13
C GLU B 208 -2.20 19.88 -23.87
N TYR B 209 -1.31 18.90 -24.00
CA TYR B 209 -0.62 18.37 -22.82
C TYR B 209 0.26 19.43 -22.17
N LYS B 210 1.02 20.17 -22.98
CA LYS B 210 1.82 21.27 -22.43
C LYS B 210 0.91 22.34 -21.86
N HIS B 211 -0.22 22.59 -22.51
CA HIS B 211 -1.17 23.59 -22.03
C HIS B 211 -1.77 23.21 -20.68
N VAL B 212 -2.14 21.94 -20.49
CA VAL B 212 -2.78 21.58 -19.23
C VAL B 212 -1.76 21.58 -18.08
N CYS B 213 -0.50 21.20 -18.35
CA CYS B 213 0.53 21.30 -17.33
C CYS B 213 0.78 22.76 -16.95
N LYS B 214 0.74 23.67 -17.92
CA LYS B 214 0.91 25.08 -17.63
C LYS B 214 -0.18 25.57 -16.68
N ARG B 215 -1.44 25.31 -17.05
CA ARG B 215 -2.56 25.70 -16.20
C ARG B 215 -2.49 25.05 -14.83
N ALA B 216 -2.07 23.78 -14.75
CA ALA B 216 -1.99 23.09 -13.47
C ALA B 216 -0.96 23.77 -12.55
N CYS B 217 0.22 24.09 -13.08
CA CYS B 217 1.24 24.75 -12.26
C CYS B 217 0.75 26.08 -11.73
N GLN B 218 0.11 26.87 -12.58
CA GLN B 218 -0.35 28.19 -12.17
C GLN B 218 -1.40 28.09 -11.08
N LYS B 219 -2.30 27.10 -11.17
CA LYS B 219 -3.28 26.91 -10.12
C LYS B 219 -2.60 26.63 -8.79
N ALA B 220 -1.59 25.75 -8.80
CA ALA B 220 -0.86 25.43 -7.58
C ALA B 220 -0.14 26.66 -7.02
N ILE B 221 0.55 27.41 -7.88
CA ILE B 221 1.29 28.59 -7.43
C ILE B 221 0.33 29.64 -6.85
N GLU B 222 -0.82 29.86 -7.50
CA GLU B 222 -1.84 30.77 -6.99
C GLU B 222 -2.26 30.37 -5.56
N LYS B 223 -2.54 29.08 -5.36
CA LYS B 223 -2.85 28.58 -4.03
C LYS B 223 -1.76 28.91 -3.02
N LEU B 224 -0.51 28.61 -3.38
CA LEU B 224 0.60 28.92 -2.47
C LEU B 224 0.63 30.39 -2.10
N GLN B 225 0.56 31.27 -3.10
CA GLN B 225 0.69 32.71 -2.85
C GLN B 225 -0.43 33.24 -1.96
N ALA B 226 -1.60 32.60 -2.00
CA ALA B 226 -2.70 32.97 -1.12
C ALA B 226 -2.58 32.36 0.29
N GLY B 227 -1.50 31.64 0.58
CA GLY B 227 -1.29 31.08 1.90
C GLY B 227 -1.76 29.64 2.07
N ALA B 228 -2.27 29.00 1.03
CA ALA B 228 -2.80 27.65 1.17
C ALA B 228 -1.71 26.67 1.59
N LEU B 229 -2.16 25.54 2.13
CA LEU B 229 -1.27 24.45 2.45
C LEU B 229 -0.73 23.82 1.18
N ALA B 230 0.43 23.19 1.30
CA ALA B 230 1.02 22.47 0.17
C ALA B 230 0.06 21.41 -0.38
N THR B 231 -0.69 20.73 0.51
CA THR B 231 -1.63 19.73 0.04
C THR B 231 -2.76 20.37 -0.77
N ASP B 232 -3.25 21.53 -0.35
CA ASP B 232 -4.26 22.23 -1.14
C ASP B 232 -3.71 22.67 -2.49
N ALA B 233 -2.42 23.04 -2.53
CA ALA B 233 -1.79 23.46 -3.78
C ALA B 233 -1.64 22.29 -4.74
N VAL B 234 -1.18 21.14 -4.23
CA VAL B 234 -1.02 19.99 -5.10
C VAL B 234 -2.38 19.49 -5.56
N THR B 235 -3.42 19.63 -4.71
CA THR B 235 -4.76 19.23 -5.11
C THR B 235 -5.27 20.11 -6.26
N ALA B 236 -5.05 21.42 -6.16
CA ALA B 236 -5.51 22.34 -7.21
C ALA B 236 -4.83 22.06 -8.54
N ALA B 237 -3.58 21.60 -8.53
CA ALA B 237 -2.92 21.26 -9.78
C ALA B 237 -3.49 19.98 -10.37
N LEU B 238 -3.75 18.97 -9.52
CA LEU B 238 -4.34 17.73 -10.04
C LEU B 238 -5.78 17.92 -10.52
N VAL B 239 -6.51 18.88 -9.94
CA VAL B 239 -7.87 19.12 -10.44
C VAL B 239 -7.83 19.58 -11.89
N GLU B 240 -6.91 20.48 -12.22
CA GLU B 240 -6.75 20.93 -13.60
C GLU B 240 -6.32 19.77 -14.49
N LEU B 241 -5.33 18.99 -14.06
CA LEU B 241 -4.86 17.87 -14.87
C LEU B 241 -5.95 16.84 -15.10
N GLU B 242 -6.74 16.53 -14.05
CA GLU B 242 -7.84 15.59 -14.20
C GLU B 242 -8.85 16.06 -15.25
N ASP B 243 -9.19 17.34 -15.23
CA ASP B 243 -10.29 17.86 -16.06
C ASP B 243 -9.97 17.85 -17.55
N SER B 244 -8.70 17.77 -17.93
CA SER B 244 -8.36 17.61 -19.34
C SER B 244 -8.85 16.26 -19.85
N PRO B 245 -9.63 16.22 -20.94
CA PRO B 245 -10.07 14.92 -21.49
C PRO B 245 -8.93 14.10 -22.10
N PHE B 246 -7.75 14.66 -22.27
CA PHE B 246 -6.64 13.91 -22.86
C PHE B 246 -5.81 13.17 -21.83
N THR B 247 -6.07 13.34 -20.54
CA THR B 247 -5.33 12.62 -19.52
C THR B 247 -6.16 11.44 -19.00
N ASN B 248 -5.47 10.33 -18.71
CA ASN B 248 -6.14 9.16 -18.14
C ASN B 248 -6.34 9.38 -16.64
N ALA B 249 -7.24 10.31 -16.33
CA ALA B 249 -7.58 10.67 -14.95
C ALA B 249 -8.82 11.55 -14.96
N GLY B 250 -9.66 11.39 -13.95
CA GLY B 250 -10.89 12.17 -13.94
C GLY B 250 -11.64 12.02 -15.26
N MET B 251 -12.08 13.16 -15.81
CA MET B 251 -12.75 13.16 -17.10
C MET B 251 -11.83 12.58 -18.18
N GLY B 252 -12.37 11.68 -19.01
CA GLY B 252 -11.56 11.03 -20.02
C GLY B 252 -10.75 9.83 -19.56
N SER B 253 -10.95 9.36 -18.32
CA SER B 253 -10.30 8.14 -17.84
C SER B 253 -10.64 6.94 -18.71
N ASN B 254 -9.72 5.98 -18.80
CA ASN B 254 -10.02 4.75 -19.52
C ASN B 254 -11.26 4.08 -18.97
N LEU B 255 -12.02 3.46 -19.84
CA LEU B 255 -13.22 2.75 -19.44
C LEU B 255 -12.85 1.31 -19.08
N ASN B 256 -13.47 0.78 -18.05
CA ASN B 256 -13.19 -0.61 -17.69
C ASN B 256 -13.93 -1.54 -18.65
N LEU B 257 -13.79 -2.84 -18.36
CA LEU B 257 -14.36 -3.90 -19.16
C LEU B 257 -15.85 -3.73 -19.43
N LEU B 258 -16.59 -3.10 -18.52
CA LEU B 258 -18.02 -2.89 -18.69
C LEU B 258 -18.37 -1.49 -19.22
N GLY B 259 -17.38 -0.72 -19.66
CA GLY B 259 -17.66 0.62 -20.14
C GLY B 259 -17.82 1.68 -19.08
N GLU B 260 -17.32 1.48 -17.86
CA GLU B 260 -17.53 2.45 -16.79
C GLU B 260 -16.21 3.07 -16.32
N ILE B 261 -16.30 4.24 -15.70
CA ILE B 261 -15.12 4.95 -15.22
C ILE B 261 -14.91 4.63 -13.73
N GLU B 262 -13.71 4.23 -13.38
CA GLU B 262 -13.36 3.90 -12.00
C GLU B 262 -11.98 4.49 -11.74
N CYS B 263 -11.92 5.45 -10.83
CA CYS B 263 -10.72 6.22 -10.62
C CYS B 263 -10.02 5.87 -9.30
N ASP B 264 -8.70 5.91 -9.33
CA ASP B 264 -7.84 5.80 -8.16
C ASP B 264 -7.14 7.14 -7.94
N ALA B 265 -6.94 7.51 -6.68
CA ALA B 265 -6.21 8.76 -6.40
C ALA B 265 -5.74 8.78 -4.95
N SER B 266 -4.63 9.47 -4.73
CA SER B 266 -4.11 9.61 -3.39
C SER B 266 -3.24 10.85 -3.29
N ILE B 267 -2.94 11.21 -2.05
CA ILE B 267 -2.24 12.44 -1.70
C ILE B 267 -1.60 12.22 -0.34
N MET B 268 -0.41 12.79 -0.16
CA MET B 268 0.34 12.66 1.08
C MET B 268 0.92 14.01 1.48
N ASP B 269 0.91 14.29 2.79
CA ASP B 269 1.43 15.53 3.35
C ASP B 269 2.79 15.27 3.99
N GLY B 270 3.81 16.01 3.55
CA GLY B 270 5.14 15.80 4.09
C GLY B 270 5.29 16.22 5.54
N LYS B 271 4.49 17.19 5.98
CA LYS B 271 4.64 17.69 7.35
C LYS B 271 4.05 16.71 8.37
N SER B 272 2.80 16.30 8.17
CA SER B 272 2.11 15.44 9.11
C SER B 272 2.20 13.98 8.75
N LEU B 273 2.65 13.66 7.55
CA LEU B 273 2.72 12.29 7.02
C LEU B 273 1.34 11.65 6.88
N ASN B 274 0.29 12.47 6.95
CA ASN B 274 -1.04 11.98 6.68
C ASN B 274 -1.25 11.77 5.19
N PHE B 275 -2.26 10.97 4.89
CA PHE B 275 -2.47 10.34 3.61
C PHE B 275 -3.98 10.22 3.40
N GLY B 276 -4.44 10.45 2.19
CA GLY B 276 -5.81 10.15 1.82
C GLY B 276 -5.85 9.47 0.48
N ALA B 277 -6.86 8.61 0.29
CA ALA B 277 -6.89 7.87 -0.96
C ALA B 277 -8.27 7.36 -1.27
N VAL B 278 -8.55 7.25 -2.58
CA VAL B 278 -9.75 6.63 -3.12
C VAL B 278 -9.38 5.63 -4.21
N GLY B 279 -10.17 4.57 -4.28
CA GLY B 279 -10.00 3.56 -5.30
C GLY B 279 -11.35 3.18 -5.87
N ALA B 280 -11.32 2.73 -7.12
CA ALA B 280 -12.52 2.31 -7.85
C ALA B 280 -13.66 3.30 -7.65
N LEU B 281 -13.33 4.59 -7.78
CA LEU B 281 -14.30 5.64 -7.53
C LEU B 281 -15.00 6.04 -8.83
N SER B 282 -16.34 6.02 -8.80
CA SER B 282 -17.17 6.33 -9.94
C SER B 282 -18.11 7.49 -9.60
N GLY B 283 -18.42 8.29 -10.60
CA GLY B 283 -19.43 9.32 -10.44
C GLY B 283 -18.95 10.61 -9.82
N ILE B 284 -17.66 10.74 -9.53
CA ILE B 284 -17.11 11.95 -8.91
C ILE B 284 -16.18 12.63 -9.91
N LYS B 285 -16.37 13.93 -10.10
CA LYS B 285 -15.66 14.63 -11.19
C LYS B 285 -14.16 14.72 -10.91
N ASN B 286 -13.78 15.03 -9.68
CA ASN B 286 -12.38 15.19 -9.30
C ASN B 286 -12.05 14.22 -8.18
N PRO B 287 -11.59 13.02 -8.51
CA PRO B 287 -11.17 12.07 -7.46
C PRO B 287 -10.14 12.62 -6.47
N VAL B 288 -9.17 13.42 -6.93
CA VAL B 288 -8.13 13.89 -6.01
C VAL B 288 -8.74 14.77 -4.91
N SER B 289 -9.88 15.43 -5.19
CA SER B 289 -10.55 16.24 -4.17
C SER B 289 -11.12 15.39 -3.05
N VAL B 290 -11.55 14.16 -3.34
CA VAL B 290 -12.01 13.28 -2.27
C VAL B 290 -10.82 12.87 -1.39
N ALA B 291 -9.74 12.45 -2.03
CA ALA B 291 -8.52 12.09 -1.32
C ALA B 291 -8.00 13.24 -0.48
N ASN B 292 -7.99 14.45 -1.03
CA ASN B 292 -7.57 15.61 -0.25
C ASN B 292 -8.52 15.85 0.92
N ARG B 293 -9.82 15.64 0.67
CA ARG B 293 -10.82 15.86 1.72
C ARG B 293 -10.64 14.86 2.87
N LEU B 294 -10.39 13.58 2.56
CA LEU B 294 -10.08 12.59 3.59
C LEU B 294 -8.86 12.98 4.40
N LEU B 295 -7.80 13.45 3.73
CA LEU B 295 -6.61 13.91 4.44
C LEU B 295 -6.96 15.12 5.29
N CYS B 296 -7.73 16.05 4.73
CA CYS B 296 -8.12 17.23 5.48
C CYS B 296 -8.97 16.84 6.70
N GLU B 297 -9.97 15.97 6.50
CA GLU B 297 -10.78 15.58 7.64
C GLU B 297 -9.99 14.76 8.65
N GLY B 298 -8.99 14.00 8.20
CA GLY B 298 -8.23 13.18 9.12
C GLY B 298 -7.32 13.95 10.05
N GLN B 299 -7.20 15.26 9.86
CA GLN B 299 -6.43 16.10 10.75
C GLN B 299 -7.30 16.83 11.76
N LYS B 300 -8.58 17.04 11.45
CA LYS B 300 -9.50 17.69 12.39
C LYS B 300 -10.02 16.69 13.42
N ARG B 307 -12.92 7.51 17.27
CA ARG B 307 -12.64 6.60 16.16
C ARG B 307 -11.67 7.22 15.16
N ILE B 308 -10.67 6.46 14.76
CA ILE B 308 -9.66 6.91 13.79
C ILE B 308 -10.37 7.25 12.48
N PRO B 309 -10.30 8.49 11.99
CA PRO B 309 -10.98 8.82 10.75
C PRO B 309 -10.39 8.06 9.59
N PRO B 310 -11.16 7.80 8.54
CA PRO B 310 -10.67 6.95 7.44
C PRO B 310 -9.65 7.67 6.59
N CYS B 311 -8.74 6.89 6.00
CA CYS B 311 -7.77 7.43 5.07
CA CYS B 311 -7.74 7.39 5.08
C CYS B 311 -7.88 6.84 3.67
N PHE B 312 -8.61 5.74 3.48
CA PHE B 312 -8.70 5.04 2.20
C PHE B 312 -10.12 4.50 2.01
N LEU B 313 -10.85 5.06 1.05
CA LEU B 313 -12.21 4.63 0.75
C LEU B 313 -12.30 4.21 -0.71
N VAL B 314 -13.14 3.20 -0.99
CA VAL B 314 -13.27 2.65 -2.34
C VAL B 314 -14.74 2.52 -2.70
N GLY B 315 -15.00 2.50 -4.01
CA GLY B 315 -16.26 2.09 -4.62
C GLY B 315 -17.44 2.92 -4.15
N GLU B 316 -18.59 2.24 -4.03
CA GLU B 316 -19.84 2.92 -3.68
C GLU B 316 -19.71 3.73 -2.41
N GLY B 317 -19.09 3.15 -1.37
CA GLY B 317 -18.96 3.86 -0.11
C GLY B 317 -18.13 5.13 -0.22
N ALA B 318 -17.08 5.12 -1.06
CA ALA B 318 -16.35 6.36 -1.31
C ALA B 318 -17.23 7.40 -1.99
N TYR B 319 -18.02 6.98 -2.99
CA TYR B 319 -18.94 7.90 -3.65
C TYR B 319 -19.91 8.51 -2.64
N ARG B 320 -20.50 7.68 -1.78
CA ARG B 320 -21.45 8.19 -0.79
C ARG B 320 -20.78 9.15 0.17
N TRP B 321 -19.58 8.81 0.63
CA TRP B 321 -18.85 9.73 1.52
C TRP B 321 -18.58 11.05 0.84
N ALA B 322 -18.14 11.01 -0.42
CA ALA B 322 -17.86 12.24 -1.17
C ALA B 322 -19.10 13.08 -1.35
N VAL B 323 -20.21 12.45 -1.76
CA VAL B 323 -21.45 13.19 -1.93
C VAL B 323 -21.87 13.81 -0.60
N ASP B 324 -21.75 13.05 0.49
CA ASP B 324 -22.10 13.59 1.80
C ASP B 324 -21.17 14.69 2.27
N HIS B 325 -20.00 14.85 1.64
CA HIS B 325 -19.11 15.94 2.04
C HIS B 325 -19.11 17.08 1.04
N GLY B 326 -20.08 17.13 0.14
CA GLY B 326 -20.26 18.25 -0.76
C GLY B 326 -19.37 18.25 -1.99
N ILE B 327 -18.72 17.14 -2.29
CA ILE B 327 -17.80 17.08 -3.43
C ILE B 327 -18.61 16.78 -4.70
N PRO B 328 -18.45 17.55 -5.77
CA PRO B 328 -19.35 17.47 -6.93
C PRO B 328 -19.28 16.15 -7.72
N SER B 329 -20.42 15.80 -8.35
CA SER B 329 -20.66 14.51 -8.98
C SER B 329 -20.49 14.58 -10.51
N CYS B 330 -20.85 13.49 -11.20
CA CYS B 330 -20.85 13.36 -12.66
C CYS B 330 -19.43 13.32 -13.23
#